data_7EIN
#
_entry.id   7EIN
#
_cell.length_a   46.041
_cell.length_b   53.125
_cell.length_c   113.635
_cell.angle_alpha   90.000
_cell.angle_beta   101.045
_cell.angle_gamma   90.000
#
_symmetry.space_group_name_H-M   'P 1 21 1'
#
loop_
_entity.id
_entity.type
_entity.pdbx_description
1 polymer '3C-like proteinase'
2 polymer leupeptin
3 water water
#
loop_
_entity_poly.entity_id
_entity_poly.type
_entity_poly.pdbx_seq_one_letter_code
_entity_poly.pdbx_strand_id
1 'polypeptide(L)'
;SGFRKMAFPSGKVEGCMVQVTCGTTTLNGLWLDDVVYCPRHVICTSEDMLNPNYEDLLIRKSNHNFLVQAGNVQLRVIGH
SMQNCVLKLKVDTANPKTPKYKFVRIQPGQTFSVLACYNGSPSGVYQCAMRPNFTIKGSFLNGSCGSVGFNIDYDCVSFC
YMHHMELPTGVHAGTDLEGNFYGPFVDRQTAQAAGTDTTITVNVLAWLYAAVINGDRWFLNRFTTTLNDFNLVAMKYNYE
PLTQDHVDILGPLSAQTGIAVLDMCASLKELLQNGMNGRTILGSALLEDEFTPFDVVRQCSGVTFQ
;
A,B
2 'polypeptide(L)' (ACY)LL(OAR) C,D
#
loop_
_chem_comp.id
_chem_comp.type
_chem_comp.name
_chem_comp.formula
ACY non-polymer 'ACETIC ACID' 'C2 H4 O2'
OAR peptide-like N-(4-AMINO-5-HYDROXY-PENTYL)-GUANIDINE 'C6 H16 N4 O'
#
# COMPACT_ATOMS: atom_id res chain seq x y z
N SER A 1 -4.95 15.70 -7.20
CA SER A 1 -3.69 15.25 -6.54
C SER A 1 -3.62 13.72 -6.49
N GLY A 2 -4.75 13.05 -6.68
CA GLY A 2 -4.80 11.60 -6.64
C GLY A 2 -5.20 11.08 -5.27
N PHE A 3 -5.75 9.86 -5.27
CA PHE A 3 -6.22 9.21 -4.06
C PHE A 3 -5.86 7.73 -4.13
N ARG A 4 -5.06 7.26 -3.18
CA ARG A 4 -4.55 5.90 -3.19
C ARG A 4 -4.71 5.27 -1.82
N LYS A 5 -4.83 3.95 -1.80
CA LYS A 5 -4.73 3.20 -0.55
C LYS A 5 -3.28 3.23 -0.08
N MET A 6 -3.04 3.87 1.06
CA MET A 6 -1.70 4.26 1.47
C MET A 6 -1.44 3.75 2.88
N ALA A 7 -0.40 2.94 3.03
CA ALA A 7 -0.02 2.41 4.33
C ALA A 7 0.94 3.36 5.04
N PHE A 8 1.02 3.21 6.36
CA PHE A 8 1.95 4.00 7.14
C PHE A 8 3.38 3.58 6.84
N PRO A 9 4.35 4.50 6.98
CA PRO A 9 5.76 4.09 6.90
C PRO A 9 6.06 3.03 7.95
N SER A 10 6.80 2.00 7.53
CA SER A 10 6.97 0.79 8.31
C SER A 10 8.29 0.72 9.07
N GLY A 11 9.11 1.79 9.01
CA GLY A 11 10.45 1.71 9.57
C GLY A 11 10.47 1.39 11.05
N LYS A 12 9.56 2.02 11.81
CA LYS A 12 9.52 1.79 13.26
C LYS A 12 9.15 0.36 13.59
N VAL A 13 8.32 -0.27 12.75
CA VAL A 13 7.87 -1.64 13.02
C VAL A 13 8.87 -2.67 12.51
N GLU A 14 9.60 -2.36 11.43
CA GLU A 14 10.60 -3.29 10.91
C GLU A 14 11.63 -3.66 11.97
N GLY A 15 12.06 -2.69 12.78
CA GLY A 15 13.03 -2.93 13.82
C GLY A 15 12.52 -3.74 15.00
N CYS A 16 11.24 -4.14 14.99
CA CYS A 16 10.67 -4.92 16.07
C CYS A 16 10.39 -6.37 15.68
N MET A 17 10.56 -6.73 14.42
CA MET A 17 10.21 -8.08 13.98
C MET A 17 11.35 -9.04 14.26
N VAL A 18 11.01 -10.18 14.86
CA VAL A 18 11.95 -11.26 15.11
C VAL A 18 11.33 -12.55 14.63
N GLN A 19 12.12 -13.62 14.68
CA GLN A 19 11.70 -14.96 14.29
C GLN A 19 11.59 -15.79 15.56
N VAL A 20 10.51 -16.56 15.68
CA VAL A 20 10.31 -17.43 16.82
C VAL A 20 10.11 -18.86 16.31
N THR A 21 10.85 -19.81 16.88
CA THR A 21 10.79 -21.22 16.42
C THR A 21 10.65 -22.20 17.59
N CYS A 22 9.59 -23.01 17.60
CA CYS A 22 9.45 -24.09 18.62
C CYS A 22 9.38 -25.38 17.81
N GLY A 23 10.29 -26.34 18.02
CA GLY A 23 10.32 -27.47 17.15
C GLY A 23 10.57 -27.11 15.77
N THR A 24 9.67 -27.50 14.93
CA THR A 24 9.79 -27.20 13.56
C THR A 24 8.87 -26.10 13.16
N THR A 25 8.05 -25.60 14.09
CA THR A 25 7.11 -24.52 13.79
C THR A 25 7.78 -23.15 13.97
N THR A 26 7.79 -22.35 12.92
CA THR A 26 8.39 -21.01 12.93
C THR A 26 7.35 -19.93 12.52
N LEU A 27 7.38 -18.79 13.19
CA LEU A 27 6.55 -17.67 12.81
C LEU A 27 7.25 -16.41 13.27
N ASN A 28 6.53 -15.29 13.19
CA ASN A 28 7.09 -13.99 13.50
C ASN A 28 6.75 -13.60 14.93
N GLY A 29 7.66 -12.82 15.53
CA GLY A 29 7.43 -12.27 16.85
C GLY A 29 7.64 -10.78 16.84
N LEU A 30 7.02 -10.11 17.81
CA LEU A 30 7.12 -8.67 17.99
C LEU A 30 7.96 -8.39 19.23
N TRP A 31 9.12 -7.81 19.04
CA TRP A 31 10.05 -7.54 20.13
C TRP A 31 10.00 -6.09 20.65
N LEU A 32 9.40 -5.91 21.82
CA LEU A 32 9.30 -4.62 22.40
C LEU A 32 9.83 -4.70 23.84
N ASP A 33 10.72 -3.79 24.18
CA ASP A 33 11.40 -3.81 25.43
C ASP A 33 11.99 -5.21 25.59
N ASP A 34 11.78 -5.87 26.70
CA ASP A 34 12.31 -7.18 26.90
C ASP A 34 11.33 -8.31 26.76
N VAL A 35 10.34 -8.15 25.90
CA VAL A 35 9.38 -9.19 25.70
C VAL A 35 9.16 -9.40 24.21
N VAL A 36 8.95 -10.63 23.85
CA VAL A 36 8.65 -11.00 22.51
C VAL A 36 7.23 -11.56 22.51
N TYR A 37 6.38 -11.00 21.65
CA TYR A 37 4.99 -11.44 21.52
C TYR A 37 4.83 -12.20 20.20
N CYS A 38 4.12 -13.32 20.26
CA CYS A 38 3.88 -14.12 19.06
C CYS A 38 2.64 -14.99 19.31
N PRO A 39 2.03 -15.53 18.25
CA PRO A 39 0.88 -16.42 18.44
C PRO A 39 1.26 -17.67 19.23
N ARG A 40 0.37 -18.08 20.12
CA ARG A 40 0.67 -19.23 20.96
C ARG A 40 0.72 -20.53 20.19
N HIS A 41 0.12 -20.60 18.99
CA HIS A 41 0.14 -21.87 18.28
C HIS A 41 1.51 -22.20 17.69
N VAL A 42 2.54 -21.40 17.99
CA VAL A 42 3.90 -21.77 17.64
C VAL A 42 4.34 -23.04 18.36
N ILE A 43 3.68 -23.37 19.47
CA ILE A 43 4.04 -24.57 20.23
C ILE A 43 3.37 -25.83 19.72
N CYS A 44 2.54 -25.72 18.69
CA CYS A 44 1.76 -26.84 18.19
C CYS A 44 2.45 -27.48 16.99
N THR A 45 2.41 -28.81 16.94
CA THR A 45 2.72 -29.53 15.72
C THR A 45 1.52 -29.48 14.79
N SER A 46 1.70 -30.03 13.59
CA SER A 46 0.60 -30.04 12.66
C SER A 46 -0.60 -30.79 13.17
N GLU A 47 -0.36 -31.84 13.91
CA GLU A 47 -1.46 -32.62 14.48
C GLU A 47 -2.09 -31.91 15.67
N ASP A 48 -1.29 -31.21 16.48
CA ASP A 48 -1.83 -30.49 17.63
C ASP A 48 -2.87 -29.46 17.21
N MET A 49 -2.68 -28.82 16.04
CA MET A 49 -3.56 -27.74 15.62
C MET A 49 -5.00 -28.19 15.40
N LEU A 50 -5.23 -29.50 15.21
CA LEU A 50 -6.59 -29.97 14.94
C LEU A 50 -7.49 -29.84 16.17
N ASN A 51 -6.94 -30.01 17.37
CA ASN A 51 -7.70 -29.86 18.61
C ASN A 51 -6.73 -29.65 19.78
N PRO A 52 -6.12 -28.47 19.90
CA PRO A 52 -5.07 -28.29 20.90
C PRO A 52 -5.59 -27.93 22.28
N ASN A 53 -4.94 -28.50 23.29
CA ASN A 53 -5.07 -28.05 24.67
C ASN A 53 -3.82 -27.24 24.97
N TYR A 54 -3.93 -25.92 24.83
CA TYR A 54 -2.73 -25.07 24.91
C TYR A 54 -2.10 -25.09 26.29
N GLU A 55 -2.92 -25.19 27.34
CA GLU A 55 -2.35 -25.25 28.69
C GLU A 55 -1.52 -26.52 28.88
N ASP A 56 -2.01 -27.65 28.37
CA ASP A 56 -1.25 -28.89 28.46
C ASP A 56 -0.02 -28.84 27.57
N LEU A 57 -0.16 -28.29 26.37
CA LEU A 57 0.96 -28.25 25.42
C LEU A 57 2.08 -27.33 25.91
N LEU A 58 1.72 -26.17 26.47
CA LEU A 58 2.72 -25.24 26.94
C LEU A 58 3.48 -25.76 28.15
N ILE A 59 2.82 -26.59 28.97
CA ILE A 59 3.48 -27.16 30.14
C ILE A 59 4.66 -28.02 29.74
N ARG A 60 4.58 -28.64 28.60
CA ARG A 60 5.69 -29.45 28.16
C ARG A 60 6.88 -28.67 27.61
N LYS A 61 6.76 -27.34 27.60
CA LYS A 61 7.77 -26.45 27.05
C LYS A 61 8.46 -25.68 28.17
N SER A 62 9.77 -25.51 28.02
CA SER A 62 10.57 -24.66 28.91
C SER A 62 11.21 -23.54 28.10
N ASN A 63 11.87 -22.63 28.82
CA ASN A 63 12.43 -21.43 28.19
C ASN A 63 13.37 -21.79 27.03
N HIS A 64 14.21 -22.80 27.22
CA HIS A 64 15.18 -23.14 26.18
C HIS A 64 14.56 -23.83 24.97
N ASN A 65 13.26 -24.14 25.01
CA ASN A 65 12.58 -24.69 23.84
C ASN A 65 12.14 -23.63 22.85
N PHE A 66 12.26 -22.35 23.20
CA PHE A 66 11.92 -21.25 22.32
C PHE A 66 13.20 -20.63 21.79
N LEU A 67 13.36 -20.65 20.46
CA LEU A 67 14.52 -20.04 19.80
C LEU A 67 14.07 -18.73 19.16
N VAL A 68 14.56 -17.62 19.70
CA VAL A 68 14.25 -16.28 19.19
C VAL A 68 15.52 -15.71 18.57
N GLN A 69 15.41 -15.30 17.30
CA GLN A 69 16.53 -14.76 16.53
C GLN A 69 16.11 -13.42 15.95
N ALA A 70 16.92 -12.40 16.18
CA ALA A 70 16.72 -11.08 15.60
C ALA A 70 17.79 -10.90 14.52
N GLY A 71 17.41 -11.13 13.27
CA GLY A 71 18.40 -11.16 12.21
C GLY A 71 19.29 -12.39 12.35
N ASN A 72 20.55 -12.19 12.75
CA ASN A 72 21.47 -13.30 12.93
C ASN A 72 21.85 -13.55 14.39
N VAL A 73 21.40 -12.71 15.31
CA VAL A 73 21.77 -12.82 16.72
C VAL A 73 20.64 -13.53 17.46
N GLN A 74 21.02 -14.41 18.38
CA GLN A 74 20.08 -15.26 19.10
C GLN A 74 19.79 -14.67 20.48
N LEU A 75 18.52 -14.39 20.75
CA LEU A 75 18.12 -13.86 22.06
C LEU A 75 17.91 -14.99 23.05
N ARG A 76 18.25 -14.72 24.32
CA ARG A 76 18.15 -15.72 25.38
C ARG A 76 16.80 -15.57 26.09
N VAL A 77 16.00 -16.63 26.06
CA VAL A 77 14.68 -16.62 26.70
C VAL A 77 14.85 -16.97 28.17
N ILE A 78 14.39 -16.07 29.04
CA ILE A 78 14.49 -16.24 30.48
C ILE A 78 13.14 -16.35 31.15
N GLY A 79 12.07 -16.42 30.37
CA GLY A 79 10.74 -16.53 30.92
C GLY A 79 9.73 -16.64 29.80
N HIS A 80 8.58 -17.24 30.14
CA HIS A 80 7.51 -17.40 29.16
C HIS A 80 6.19 -17.53 29.89
N SER A 81 5.14 -16.97 29.28
CA SER A 81 3.78 -17.06 29.88
C SER A 81 2.74 -16.96 28.76
N MET A 82 1.53 -17.43 28.95
CA MET A 82 0.47 -17.35 27.92
C MET A 82 -0.57 -16.33 28.37
N GLN A 83 -0.88 -15.39 27.49
CA GLN A 83 -1.91 -14.38 27.76
C GLN A 83 -2.92 -14.58 26.62
N ASN A 84 -4.08 -15.05 26.95
CA ASN A 84 -5.08 -15.40 26.03
C ASN A 84 -4.46 -16.21 24.89
N CYS A 85 -4.50 -15.71 23.68
CA CYS A 85 -3.97 -16.43 22.55
C CYS A 85 -2.54 -16.05 22.10
N VAL A 86 -1.84 -15.25 22.91
CA VAL A 86 -0.48 -14.94 22.53
C VAL A 86 0.51 -15.44 23.60
N LEU A 87 1.76 -15.72 23.17
CA LEU A 87 2.84 -16.04 24.09
C LEU A 87 3.67 -14.78 24.34
N LYS A 88 4.14 -14.62 25.57
CA LYS A 88 5.06 -13.55 25.92
C LYS A 88 6.34 -14.19 26.42
N LEU A 89 7.40 -14.08 25.61
CA LEU A 89 8.71 -14.64 25.92
C LEU A 89 9.57 -13.51 26.45
N LYS A 90 9.92 -13.58 27.74
CA LYS A 90 10.83 -12.59 28.29
C LYS A 90 12.26 -12.92 27.87
N VAL A 91 12.97 -11.92 27.37
CA VAL A 91 14.33 -12.11 26.89
C VAL A 91 15.27 -11.26 27.76
N ASP A 92 16.57 -11.57 27.67
CA ASP A 92 17.56 -10.91 28.49
C ASP A 92 18.04 -9.58 27.91
N THR A 93 17.63 -9.24 26.69
CA THR A 93 18.06 -8.01 26.03
C THR A 93 16.85 -7.18 25.65
N ALA A 94 16.86 -5.91 26.07
CA ALA A 94 15.85 -4.98 25.63
C ALA A 94 16.10 -4.57 24.19
N ASN A 95 15.04 -4.53 23.39
CA ASN A 95 15.18 -4.11 21.99
C ASN A 95 15.60 -2.65 21.93
N PRO A 96 16.81 -2.33 21.47
CA PRO A 96 17.22 -0.91 21.41
C PRO A 96 16.45 -0.11 20.38
N LYS A 97 15.75 -0.78 19.45
CA LYS A 97 14.94 -0.12 18.44
C LYS A 97 13.49 0.06 18.88
N THR A 98 13.16 -0.23 20.12
CA THR A 98 11.79 -0.13 20.60
C THR A 98 11.29 1.30 20.43
N PRO A 99 10.25 1.53 19.63
CA PRO A 99 9.70 2.88 19.50
C PRO A 99 8.69 3.14 20.62
N LYS A 100 8.25 4.39 20.68
CA LYS A 100 7.14 4.69 21.58
C LYS A 100 5.96 3.91 21.01
N TYR A 101 5.27 3.21 21.87
CA TYR A 101 4.22 2.32 21.41
C TYR A 101 3.12 2.21 22.46
N LYS A 102 1.97 1.72 22.00
CA LYS A 102 0.88 1.35 22.87
C LYS A 102 0.12 0.21 22.21
N PHE A 103 -0.59 -0.56 23.03
CA PHE A 103 -1.49 -1.59 22.54
C PHE A 103 -2.92 -1.05 22.55
N VAL A 104 -3.59 -1.14 21.41
CA VAL A 104 -4.99 -0.70 21.31
C VAL A 104 -5.81 -1.82 20.70
N ARG A 105 -7.06 -1.91 21.12
CA ARG A 105 -8.04 -2.79 20.49
C ARG A 105 -8.86 -1.93 19.54
N ILE A 106 -8.72 -2.19 18.24
CA ILE A 106 -9.34 -1.35 17.23
C ILE A 106 -10.82 -1.70 17.10
N GLN A 107 -11.60 -0.75 16.64
CA GLN A 107 -13.03 -0.91 16.44
C GLN A 107 -13.33 -1.37 15.03
N PRO A 108 -14.44 -2.07 14.81
CA PRO A 108 -14.82 -2.46 13.46
C PRO A 108 -15.05 -1.23 12.58
N GLY A 109 -14.57 -1.31 11.34
CA GLY A 109 -14.65 -0.21 10.42
C GLY A 109 -13.42 0.67 10.39
N GLN A 110 -12.50 0.52 11.33
CA GLN A 110 -11.28 1.29 11.36
C GLN A 110 -10.18 0.57 10.58
N THR A 111 -9.20 1.34 10.11
CA THR A 111 -8.15 0.81 9.26
C THR A 111 -6.81 0.79 10.00
N PHE A 112 -5.87 0.03 9.43
CA PHE A 112 -4.52 -0.06 9.95
C PHE A 112 -3.62 -0.60 8.85
N SER A 113 -2.32 -0.44 9.04
CA SER A 113 -1.31 -0.96 8.12
C SER A 113 -0.77 -2.28 8.65
N VAL A 114 -0.52 -3.22 7.72
CA VAL A 114 0.03 -4.52 8.06
C VAL A 114 1.43 -4.63 7.49
N LEU A 115 2.40 -5.00 8.32
CA LEU A 115 3.75 -5.32 7.87
C LEU A 115 3.83 -6.84 7.75
N ALA A 116 3.58 -7.34 6.55
CA ALA A 116 3.65 -8.78 6.30
C ALA A 116 5.09 -9.25 6.39
N CYS A 117 5.33 -10.29 7.18
CA CYS A 117 6.66 -10.78 7.46
C CYS A 117 6.72 -12.29 7.28
N TYR A 118 7.91 -12.79 6.97
CA TYR A 118 8.16 -14.23 6.89
C TYR A 118 9.53 -14.52 7.49
N ASN A 119 9.59 -15.51 8.39
CA ASN A 119 10.82 -15.86 9.08
C ASN A 119 11.41 -14.68 9.83
N GLY A 120 10.57 -13.77 10.30
CA GLY A 120 11.02 -12.57 10.98
C GLY A 120 11.54 -11.47 10.08
N SER A 121 11.39 -11.59 8.76
CA SER A 121 11.91 -10.61 7.83
CA SER A 121 11.90 -10.60 7.83
C SER A 121 10.75 -9.90 7.12
N PRO A 122 10.73 -8.57 7.13
CA PRO A 122 9.63 -7.85 6.47
C PRO A 122 9.58 -8.13 4.98
N SER A 123 8.36 -8.36 4.49
CA SER A 123 8.10 -8.62 3.08
C SER A 123 7.40 -7.49 2.36
N GLY A 124 6.41 -6.87 3.00
CA GLY A 124 5.66 -5.80 2.35
C GLY A 124 4.68 -5.16 3.32
N VAL A 125 4.12 -4.03 2.88
CA VAL A 125 3.21 -3.24 3.70
C VAL A 125 1.95 -2.94 2.90
N TYR A 126 0.80 -2.99 3.56
CA TYR A 126 -0.46 -2.66 2.92
C TYR A 126 -1.48 -2.27 3.99
N GLN A 127 -2.50 -1.53 3.56
CA GLN A 127 -3.54 -1.08 4.47
C GLN A 127 -4.75 -2.01 4.45
N CYS A 128 -5.25 -2.32 5.64
CA CYS A 128 -6.39 -3.18 5.82
C CYS A 128 -7.44 -2.48 6.69
N ALA A 129 -8.66 -2.99 6.65
CA ALA A 129 -9.73 -2.52 7.50
C ALA A 129 -10.28 -3.69 8.31
N MET A 130 -10.55 -3.45 9.58
CA MET A 130 -11.27 -4.43 10.40
C MET A 130 -12.71 -4.46 9.93
N ARG A 131 -13.09 -5.55 9.23
CA ARG A 131 -14.45 -5.66 8.72
C ARG A 131 -15.44 -5.68 9.88
N PRO A 132 -16.70 -5.32 9.61
CA PRO A 132 -17.72 -5.41 10.67
C PRO A 132 -17.85 -6.79 11.27
N ASN A 133 -17.58 -7.84 10.50
CA ASN A 133 -17.58 -9.21 11.02
C ASN A 133 -16.22 -9.61 11.58
N PHE A 134 -15.33 -8.65 11.82
CA PHE A 134 -14.06 -8.85 12.54
C PHE A 134 -13.11 -9.78 11.80
N THR A 135 -13.17 -9.76 10.46
CA THR A 135 -12.14 -10.36 9.63
C THR A 135 -11.40 -9.24 8.90
N ILE A 136 -10.30 -9.60 8.23
CA ILE A 136 -9.60 -8.68 7.37
C ILE A 136 -9.30 -9.38 6.05
N LYS A 137 -9.17 -8.59 4.99
CA LYS A 137 -8.84 -9.09 3.66
C LYS A 137 -7.40 -8.68 3.39
N GLY A 138 -6.47 -9.55 3.75
CA GLY A 138 -5.07 -9.27 3.56
C GLY A 138 -4.38 -10.24 2.61
N SER A 139 -3.07 -10.37 2.76
CA SER A 139 -2.28 -11.32 1.96
C SER A 139 -1.31 -11.98 2.92
N PHE A 140 -1.64 -13.21 3.35
CA PHE A 140 -0.89 -13.92 4.37
C PHE A 140 -0.63 -15.35 3.89
N LEU A 141 0.62 -15.66 3.57
CA LEU A 141 0.99 -17.04 3.26
C LEU A 141 1.38 -17.76 4.55
N ASN A 142 1.81 -19.01 4.42
CA ASN A 142 2.27 -19.77 5.58
C ASN A 142 3.53 -19.14 6.13
N GLY A 143 3.64 -19.09 7.46
CA GLY A 143 4.73 -18.41 8.11
C GLY A 143 4.54 -16.93 8.32
N SER A 144 3.43 -16.36 7.82
CA SER A 144 3.13 -14.95 8.03
C SER A 144 2.51 -14.68 9.39
N CYS A 145 2.13 -15.72 10.13
CA CYS A 145 1.57 -15.51 11.47
C CYS A 145 2.58 -14.78 12.34
N GLY A 146 2.07 -13.92 13.22
CA GLY A 146 2.91 -13.03 13.99
C GLY A 146 3.08 -11.66 13.38
N SER A 147 2.78 -11.51 12.09
CA SER A 147 2.76 -10.18 11.47
C SER A 147 1.76 -9.29 12.20
N VAL A 148 2.08 -8.01 12.30
CA VAL A 148 1.29 -7.11 13.14
C VAL A 148 0.69 -6.00 12.28
N GLY A 149 -0.46 -5.50 12.73
CA GLY A 149 -1.10 -4.33 12.16
C GLY A 149 -0.98 -3.17 13.13
N PHE A 150 -0.89 -1.96 12.60
CA PHE A 150 -0.56 -0.82 13.44
C PHE A 150 -1.04 0.47 12.81
N ASN A 151 -1.13 1.51 13.64
CA ASN A 151 -1.27 2.88 13.22
C ASN A 151 -0.15 3.70 13.86
N ILE A 152 0.15 4.80 13.20
CA ILE A 152 1.14 5.69 13.71
C ILE A 152 0.51 7.03 13.99
N ASP A 153 0.78 7.56 15.15
CA ASP A 153 0.29 8.91 15.47
C ASP A 153 1.48 9.73 15.84
N TYR A 154 2.04 10.45 14.91
CA TYR A 154 3.20 11.23 15.17
C TYR A 154 4.41 10.31 15.30
N ASP A 155 4.77 10.06 16.54
CA ASP A 155 5.89 9.22 16.88
C ASP A 155 5.49 7.94 17.55
N CYS A 156 4.24 7.78 17.90
CA CYS A 156 3.82 6.59 18.63
C CYS A 156 3.17 5.53 17.78
N VAL A 157 3.61 4.30 17.94
CA VAL A 157 3.05 3.19 17.19
C VAL A 157 1.98 2.53 18.02
N SER A 158 0.77 2.47 17.43
CA SER A 158 -0.37 1.81 18.10
C SER A 158 -0.56 0.46 17.45
N PHE A 159 0.00 -0.58 18.07
CA PHE A 159 -0.22 -1.94 17.61
C PHE A 159 -1.63 -2.38 17.97
N CYS A 160 -2.36 -2.92 16.99
CA CYS A 160 -3.74 -3.33 17.20
C CYS A 160 -4.06 -4.72 16.69
N TYR A 161 -3.19 -5.36 15.91
CA TYR A 161 -3.51 -6.61 15.27
C TYR A 161 -2.28 -7.51 15.23
N MET A 162 -2.50 -8.81 15.42
CA MET A 162 -1.48 -9.83 15.18
C MET A 162 -2.16 -10.98 14.44
N HIS A 163 -1.54 -11.44 13.35
CA HIS A 163 -2.18 -12.40 12.49
C HIS A 163 -2.06 -13.81 13.03
N HIS A 164 -3.16 -14.56 13.00
CA HIS A 164 -3.19 -15.93 13.50
C HIS A 164 -3.67 -16.97 12.49
N MET A 165 -4.69 -16.66 11.69
CA MET A 165 -5.32 -17.74 10.92
C MET A 165 -6.01 -17.21 9.68
N GLU A 166 -6.28 -18.12 8.76
CA GLU A 166 -6.98 -17.86 7.50
C GLU A 166 -8.32 -18.58 7.51
N LEU A 167 -9.35 -17.91 7.02
CA LEU A 167 -10.68 -18.51 7.05
C LEU A 167 -11.02 -19.12 5.70
N PRO A 168 -11.95 -20.08 5.65
CA PRO A 168 -12.26 -20.76 4.38
C PRO A 168 -12.78 -19.85 3.29
N THR A 169 -13.28 -18.67 3.63
CA THR A 169 -13.71 -17.71 2.63
C THR A 169 -12.54 -16.96 1.99
N GLY A 170 -11.31 -17.21 2.44
CA GLY A 170 -10.17 -16.48 1.98
C GLY A 170 -9.84 -15.24 2.78
N VAL A 171 -10.51 -15.03 3.91
CA VAL A 171 -10.25 -13.87 4.75
C VAL A 171 -9.46 -14.32 5.95
N HIS A 172 -8.97 -13.35 6.74
CA HIS A 172 -8.01 -13.62 7.80
C HIS A 172 -8.56 -13.15 9.15
N ALA A 173 -8.06 -13.78 10.21
CA ALA A 173 -8.46 -13.47 11.57
C ALA A 173 -7.23 -13.43 12.47
N GLY A 174 -7.30 -12.60 13.50
CA GLY A 174 -6.20 -12.48 14.43
C GLY A 174 -6.66 -11.88 15.74
N THR A 175 -5.69 -11.48 16.55
CA THR A 175 -5.94 -10.96 17.89
C THR A 175 -5.40 -9.54 18.03
N ASP A 176 -5.78 -8.90 19.13
CA ASP A 176 -5.05 -7.72 19.56
C ASP A 176 -3.75 -8.17 20.24
N LEU A 177 -2.95 -7.22 20.71
CA LEU A 177 -1.67 -7.58 21.28
C LEU A 177 -1.77 -8.11 22.70
N GLU A 178 -2.98 -8.18 23.26
CA GLU A 178 -3.22 -8.90 24.50
C GLU A 178 -3.68 -10.33 24.26
N GLY A 179 -3.76 -10.76 23.01
CA GLY A 179 -4.11 -12.12 22.69
C GLY A 179 -5.60 -12.41 22.55
N ASN A 180 -6.44 -11.39 22.58
CA ASN A 180 -7.88 -11.57 22.44
C ASN A 180 -8.26 -11.49 20.96
N PHE A 181 -8.87 -12.54 20.46
CA PHE A 181 -9.28 -12.56 19.06
C PHE A 181 -10.29 -11.46 18.77
N TYR A 182 -10.18 -10.88 17.58
CA TYR A 182 -11.27 -10.08 17.03
C TYR A 182 -12.32 -11.04 16.47
N GLY A 183 -13.56 -10.89 16.91
CA GLY A 183 -14.62 -11.75 16.46
C GLY A 183 -14.69 -13.04 17.25
N PRO A 184 -15.49 -14.00 16.76
CA PRO A 184 -15.79 -15.20 17.56
C PRO A 184 -14.80 -16.35 17.36
N PHE A 185 -13.65 -16.09 16.76
CA PHE A 185 -12.78 -17.16 16.29
C PHE A 185 -11.88 -17.68 17.40
N VAL A 186 -11.45 -18.94 17.22
CA VAL A 186 -10.52 -19.62 18.12
C VAL A 186 -9.36 -20.17 17.29
N ASP A 187 -8.21 -20.33 17.94
CA ASP A 187 -7.01 -20.81 17.24
C ASP A 187 -7.00 -22.33 17.27
N ARG A 188 -7.83 -22.92 16.41
CA ARG A 188 -7.89 -24.35 16.23
C ARG A 188 -8.21 -24.63 14.77
N GLN A 189 -7.57 -25.66 14.20
CA GLN A 189 -7.81 -26.04 12.81
C GLN A 189 -9.17 -26.74 12.72
N THR A 190 -10.23 -25.95 12.59
CA THR A 190 -11.58 -26.46 12.39
C THR A 190 -12.38 -25.41 11.65
N ALA A 191 -13.39 -25.86 10.92
CA ALA A 191 -14.21 -24.95 10.12
C ALA A 191 -14.93 -23.95 11.02
N GLN A 192 -14.81 -22.67 10.68
CA GLN A 192 -15.39 -21.59 11.47
C GLN A 192 -16.01 -20.56 10.54
N ALA A 193 -17.20 -20.09 10.88
CA ALA A 193 -17.90 -19.12 10.05
C ALA A 193 -17.65 -17.71 10.57
N ALA A 194 -17.46 -16.79 9.63
CA ALA A 194 -17.29 -15.38 9.98
C ALA A 194 -18.61 -14.64 10.08
N GLY A 195 -19.68 -15.18 9.48
CA GLY A 195 -20.96 -14.52 9.49
C GLY A 195 -21.08 -13.48 8.38
N THR A 196 -22.30 -12.97 8.23
CA THR A 196 -22.58 -12.00 7.18
C THR A 196 -21.73 -10.75 7.37
N ASP A 197 -21.00 -10.37 6.33
CA ASP A 197 -20.22 -9.15 6.39
C ASP A 197 -21.06 -7.97 5.92
N THR A 198 -20.90 -6.85 6.61
CA THR A 198 -21.62 -5.62 6.32
C THR A 198 -20.68 -4.66 5.61
N THR A 199 -21.26 -3.71 4.88
CA THR A 199 -20.48 -2.65 4.27
C THR A 199 -20.41 -1.47 5.23
N ILE A 200 -19.20 -0.93 5.41
CA ILE A 200 -18.99 0.20 6.32
C ILE A 200 -19.49 1.45 5.62
N THR A 201 -20.71 1.88 5.98
CA THR A 201 -21.39 2.93 5.24
C THR A 201 -20.66 4.26 5.33
N VAL A 202 -20.22 4.65 6.53
CA VAL A 202 -19.54 5.93 6.69
C VAL A 202 -18.24 5.95 5.90
N ASN A 203 -17.64 4.78 5.67
CA ASN A 203 -16.41 4.73 4.88
C ASN A 203 -16.71 4.92 3.40
N VAL A 204 -17.82 4.37 2.91
CA VAL A 204 -18.20 4.59 1.51
C VAL A 204 -18.45 6.07 1.26
N LEU A 205 -19.16 6.74 2.17
CA LEU A 205 -19.43 8.16 2.01
C LEU A 205 -18.13 8.96 2.02
N ALA A 206 -17.20 8.63 2.92
CA ALA A 206 -15.92 9.31 2.95
C ALA A 206 -15.17 9.13 1.63
N TRP A 207 -15.25 7.94 1.04
CA TRP A 207 -14.60 7.69 -0.23
C TRP A 207 -15.30 8.42 -1.37
N LEU A 208 -16.63 8.52 -1.31
CA LEU A 208 -17.35 9.31 -2.31
C LEU A 208 -16.98 10.78 -2.21
N TYR A 209 -16.75 11.27 -0.99
CA TYR A 209 -16.28 12.65 -0.84
C TYR A 209 -14.88 12.81 -1.42
N ALA A 210 -14.00 11.83 -1.18
CA ALA A 210 -12.67 11.87 -1.77
C ALA A 210 -12.75 11.98 -3.29
N ALA A 211 -13.70 11.27 -3.90
CA ALA A 211 -13.86 11.34 -5.35
C ALA A 211 -14.24 12.74 -5.80
N VAL A 212 -15.16 13.38 -5.08
CA VAL A 212 -15.59 14.73 -5.45
C VAL A 212 -14.42 15.71 -5.31
N ILE A 213 -13.62 15.55 -4.25
CA ILE A 213 -12.44 16.39 -4.07
C ILE A 213 -11.47 16.23 -5.25
N ASN A 214 -11.46 15.05 -5.86
CA ASN A 214 -10.57 14.78 -6.99
C ASN A 214 -11.23 15.06 -8.34
N GLY A 215 -12.46 15.56 -8.36
CA GLY A 215 -13.12 15.93 -9.60
C GLY A 215 -14.11 14.93 -10.14
N ASP A 216 -14.32 13.80 -9.46
CA ASP A 216 -15.32 12.82 -9.88
C ASP A 216 -16.68 13.23 -9.30
N ARG A 217 -17.61 13.58 -10.18
CA ARG A 217 -18.90 14.10 -9.73
C ARG A 217 -20.10 13.53 -10.50
N TRP A 218 -19.90 12.57 -11.40
CA TRP A 218 -21.02 12.13 -12.24
C TRP A 218 -22.12 11.47 -11.41
N PHE A 219 -21.77 10.84 -10.28
CA PHE A 219 -22.74 10.14 -9.45
C PHE A 219 -23.60 11.08 -8.62
N LEU A 220 -23.32 12.37 -8.61
CA LEU A 220 -24.12 13.32 -7.84
C LEU A 220 -25.43 13.63 -8.56
N ASN A 221 -26.52 13.65 -7.81
CA ASN A 221 -27.84 13.88 -8.39
C ASN A 221 -28.55 15.04 -7.69
N ARG A 222 -29.83 15.23 -8.00
CA ARG A 222 -30.60 16.34 -7.45
C ARG A 222 -31.44 15.94 -6.24
N PHE A 223 -31.39 14.68 -5.83
CA PHE A 223 -32.20 14.25 -4.70
C PHE A 223 -31.46 14.53 -3.39
N THR A 224 -32.24 14.54 -2.30
CA THR A 224 -31.74 14.37 -0.97
C THR A 224 -32.56 13.26 -0.30
N THR A 225 -32.23 12.95 0.94
CA THR A 225 -32.95 11.91 1.66
C THR A 225 -32.90 12.22 3.15
N THR A 226 -33.50 11.34 3.95
CA THR A 226 -33.42 11.43 5.39
C THR A 226 -32.61 10.26 5.93
N LEU A 227 -32.21 10.38 7.20
CA LEU A 227 -31.43 9.33 7.83
C LEU A 227 -32.20 8.02 7.87
N ASN A 228 -33.45 8.06 8.30
CA ASN A 228 -34.27 6.86 8.35
C ASN A 228 -34.59 6.32 6.95
N ASP A 229 -34.74 7.21 5.97
CA ASP A 229 -35.04 6.76 4.61
C ASP A 229 -33.85 6.09 3.96
N PHE A 230 -32.65 6.65 4.15
CA PHE A 230 -31.45 6.01 3.63
C PHE A 230 -31.18 4.68 4.33
N ASN A 231 -31.41 4.62 5.64
CA ASN A 231 -31.15 3.39 6.38
C ASN A 231 -32.09 2.27 5.97
N LEU A 232 -33.31 2.60 5.54
CA LEU A 232 -34.18 1.57 4.96
C LEU A 232 -33.57 0.99 3.69
N VAL A 233 -32.79 1.78 2.97
CA VAL A 233 -32.05 1.26 1.82
C VAL A 233 -30.72 0.65 2.26
N ALA A 234 -30.09 1.19 3.31
CA ALA A 234 -28.85 0.61 3.81
C ALA A 234 -29.07 -0.83 4.28
N MET A 235 -30.08 -1.03 5.14
CA MET A 235 -30.38 -2.37 5.65
C MET A 235 -30.62 -3.37 4.55
N LYS A 236 -31.24 -2.92 3.45
CA LYS A 236 -31.58 -3.84 2.37
C LYS A 236 -30.33 -4.37 1.68
N TYR A 237 -29.32 -3.53 1.49
CA TYR A 237 -28.09 -3.90 0.82
C TYR A 237 -26.98 -4.30 1.78
N ASN A 238 -27.32 -4.65 3.03
CA ASN A 238 -26.36 -5.05 4.04
C ASN A 238 -25.30 -3.97 4.28
N TYR A 239 -25.73 -2.72 4.29
CA TYR A 239 -24.91 -1.61 4.73
C TYR A 239 -25.17 -1.35 6.21
N GLU A 240 -24.20 -0.74 6.89
CA GLU A 240 -24.41 -0.39 8.28
C GLU A 240 -25.32 0.83 8.38
N PRO A 241 -26.18 0.91 9.40
CA PRO A 241 -27.03 2.09 9.56
C PRO A 241 -26.19 3.32 9.81
N LEU A 242 -26.58 4.44 9.19
CA LEU A 242 -25.91 5.70 9.41
C LEU A 242 -26.51 6.41 10.62
N THR A 243 -25.64 6.96 11.45
CA THR A 243 -26.03 7.67 12.65
C THR A 243 -25.59 9.12 12.55
N GLN A 244 -26.07 9.93 13.52
CA GLN A 244 -25.66 11.33 13.56
C GLN A 244 -24.18 11.46 13.90
N ASP A 245 -23.62 10.52 14.65
CA ASP A 245 -22.18 10.50 14.88
C ASP A 245 -21.42 10.38 13.56
N HIS A 246 -21.90 9.50 12.67
CA HIS A 246 -21.28 9.37 11.35
C HIS A 246 -21.41 10.65 10.55
N VAL A 247 -22.57 11.31 10.64
CA VAL A 247 -22.76 12.60 9.96
C VAL A 247 -21.77 13.62 10.47
N ASP A 248 -21.53 13.64 11.78
CA ASP A 248 -20.59 14.59 12.37
C ASP A 248 -19.16 14.30 11.93
N ILE A 249 -18.79 13.02 11.86
CA ILE A 249 -17.44 12.64 11.47
C ILE A 249 -17.16 13.05 10.03
N LEU A 250 -18.18 13.00 9.18
CA LEU A 250 -18.06 13.43 7.79
C LEU A 250 -18.08 14.95 7.63
N GLY A 251 -18.17 15.68 8.74
CA GLY A 251 -18.23 17.12 8.74
C GLY A 251 -17.15 17.83 7.93
N PRO A 252 -15.88 17.51 8.19
CA PRO A 252 -14.81 18.15 7.42
C PRO A 252 -14.91 17.89 5.92
N LEU A 253 -15.34 16.69 5.52
CA LEU A 253 -15.47 16.38 4.10
C LEU A 253 -16.68 17.08 3.49
N SER A 254 -17.79 17.14 4.22
N SER A 254 -17.79 17.14 4.22
CA SER A 254 -18.97 17.84 3.73
CA SER A 254 -18.97 17.84 3.73
C SER A 254 -18.71 19.34 3.61
C SER A 254 -18.72 19.34 3.62
N ALA A 255 -17.91 19.91 4.51
CA ALA A 255 -17.60 21.33 4.43
C ALA A 255 -16.68 21.63 3.25
N GLN A 256 -15.66 20.78 3.04
CA GLN A 256 -14.72 21.01 1.95
C GLN A 256 -15.39 20.94 0.59
N THR A 257 -16.38 20.05 0.44
CA THR A 257 -17.05 19.86 -0.84
C THR A 257 -18.33 20.68 -0.98
N GLY A 258 -18.86 21.22 0.11
CA GLY A 258 -20.15 21.88 0.05
C GLY A 258 -21.32 20.96 -0.19
N ILE A 259 -21.12 19.65 -0.10
CA ILE A 259 -22.18 18.67 -0.32
C ILE A 259 -22.64 18.17 1.05
N ALA A 260 -23.92 18.39 1.35
CA ALA A 260 -24.49 17.91 2.60
C ALA A 260 -24.44 16.38 2.65
N VAL A 261 -24.29 15.85 3.86
CA VAL A 261 -24.16 14.40 4.03
C VAL A 261 -25.39 13.69 3.49
N LEU A 262 -26.58 14.21 3.79
CA LEU A 262 -27.81 13.58 3.30
C LEU A 262 -27.93 13.70 1.79
N ASP A 263 -27.35 14.74 1.19
CA ASP A 263 -27.31 14.82 -0.27
C ASP A 263 -26.43 13.72 -0.85
N MET A 264 -25.30 13.44 -0.21
CA MET A 264 -24.44 12.35 -0.66
C MET A 264 -25.09 11.00 -0.41
N CYS A 265 -25.89 10.87 0.66
CA CYS A 265 -26.61 9.63 0.91
C CYS A 265 -27.58 9.32 -0.23
N ALA A 266 -28.23 10.35 -0.77
CA ALA A 266 -29.15 10.15 -1.89
C ALA A 266 -28.41 9.68 -3.13
N SER A 267 -27.19 10.19 -3.36
CA SER A 267 -26.39 9.72 -4.47
C SER A 267 -25.92 8.29 -4.26
N LEU A 268 -25.54 7.95 -3.03
CA LEU A 268 -25.18 6.56 -2.73
C LEU A 268 -26.39 5.65 -2.88
N LYS A 269 -27.56 6.11 -2.42
CA LYS A 269 -28.78 5.33 -2.58
C LYS A 269 -29.06 5.02 -4.04
N GLU A 270 -28.89 6.03 -4.88
CA GLU A 270 -29.09 5.82 -6.34
C GLU A 270 -28.03 4.81 -6.82
N LEU A 271 -26.78 4.98 -6.39
CA LEU A 271 -25.73 4.04 -6.81
C LEU A 271 -26.07 2.62 -6.37
N LEU A 272 -26.64 2.47 -5.17
CA LEU A 272 -27.03 1.14 -4.69
C LEU A 272 -28.20 0.59 -5.48
N GLN A 273 -29.19 1.43 -5.78
CA GLN A 273 -30.41 0.96 -6.43
C GLN A 273 -30.24 0.78 -7.93
N ASN A 274 -29.38 1.58 -8.57
CA ASN A 274 -29.26 1.57 -10.03
C ASN A 274 -27.93 1.06 -10.54
N GLY A 275 -26.92 0.91 -9.69
CA GLY A 275 -25.61 0.51 -10.16
C GLY A 275 -24.81 1.68 -10.70
N MET A 276 -23.66 1.35 -11.27
CA MET A 276 -22.71 2.35 -11.77
C MET A 276 -22.68 2.44 -13.29
N ASN A 277 -23.45 1.61 -13.99
CA ASN A 277 -23.64 1.73 -15.44
C ASN A 277 -22.31 1.76 -16.19
N GLY A 278 -21.38 0.88 -15.79
CA GLY A 278 -20.13 0.73 -16.48
C GLY A 278 -19.11 1.83 -16.27
N ARG A 279 -19.41 2.84 -15.47
CA ARG A 279 -18.45 3.89 -15.19
C ARG A 279 -17.58 3.50 -14.00
N THR A 280 -16.61 4.35 -13.66
CA THR A 280 -15.71 4.12 -12.53
C THR A 280 -15.69 5.34 -11.62
N ILE A 281 -15.26 5.13 -10.38
CA ILE A 281 -15.12 6.19 -9.38
C ILE A 281 -13.75 6.04 -8.73
N LEU A 282 -12.90 7.05 -8.87
CA LEU A 282 -11.52 7.01 -8.37
C LEU A 282 -10.80 5.75 -8.85
N GLY A 283 -11.05 5.39 -10.11
CA GLY A 283 -10.42 4.22 -10.69
C GLY A 283 -10.97 2.89 -10.23
N SER A 284 -12.18 2.88 -9.66
CA SER A 284 -12.79 1.64 -9.19
C SER A 284 -14.21 1.53 -9.73
N ALA A 285 -14.59 0.32 -10.12
CA ALA A 285 -15.95 0.04 -10.56
C ALA A 285 -16.81 -0.52 -9.43
N LEU A 286 -16.34 -0.45 -8.19
CA LEU A 286 -17.09 -0.88 -7.02
C LEU A 286 -17.05 0.23 -5.97
N LEU A 287 -17.97 0.14 -5.01
CA LEU A 287 -18.02 1.09 -3.91
C LEU A 287 -17.03 0.67 -2.83
N GLU A 288 -16.03 1.51 -2.59
CA GLU A 288 -14.94 1.21 -1.67
C GLU A 288 -15.31 1.62 -0.25
N ASP A 289 -15.13 0.70 0.70
CA ASP A 289 -15.49 0.95 2.09
C ASP A 289 -14.33 0.75 3.05
N GLU A 290 -13.09 0.76 2.57
CA GLU A 290 -11.93 0.56 3.44
C GLU A 290 -11.11 1.84 3.59
N PHE A 291 -11.72 3.00 3.37
CA PHE A 291 -11.14 4.29 3.73
C PHE A 291 -12.00 4.93 4.81
N THR A 292 -11.41 5.19 5.97
CA THR A 292 -12.15 5.90 7.00
C THR A 292 -12.20 7.39 6.65
N PRO A 293 -13.12 8.15 7.26
CA PRO A 293 -13.08 9.61 7.08
C PRO A 293 -11.73 10.22 7.43
N PHE A 294 -11.07 9.71 8.48
CA PHE A 294 -9.75 10.21 8.84
C PHE A 294 -8.73 9.90 7.74
N ASP A 295 -8.82 8.73 7.12
CA ASP A 295 -7.92 8.39 6.01
C ASP A 295 -8.10 9.37 4.86
N VAL A 296 -9.34 9.75 4.57
CA VAL A 296 -9.60 10.66 3.46
C VAL A 296 -9.07 12.05 3.77
N VAL A 297 -9.25 12.51 5.01
CA VAL A 297 -8.75 13.83 5.41
C VAL A 297 -7.23 13.87 5.34
N ARG A 298 -6.56 12.73 5.48
CA ARG A 298 -5.10 12.72 5.45
C ARG A 298 -4.56 12.94 4.04
N GLN A 299 -5.28 12.50 3.01
CA GLN A 299 -4.81 12.61 1.63
C GLN A 299 -5.39 13.79 0.88
N CYS A 300 -6.66 14.13 1.12
CA CYS A 300 -7.27 15.25 0.43
C CYS A 300 -6.94 16.58 1.08
N SER B 1 -4.85 -17.52 0.09
CA SER B 1 -4.08 -16.72 1.07
C SER B 1 -4.26 -15.19 0.90
N GLY B 2 -4.99 -14.76 -0.14
CA GLY B 2 -5.24 -13.35 -0.37
C GLY B 2 -4.24 -12.74 -1.34
N PHE B 3 -4.66 -11.65 -1.97
CA PHE B 3 -3.83 -10.96 -2.95
C PHE B 3 -4.09 -9.46 -2.85
N ARG B 4 -3.05 -8.71 -2.51
CA ARG B 4 -3.18 -7.27 -2.25
C ARG B 4 -2.07 -6.51 -2.95
N LYS B 5 -2.34 -5.24 -3.25
CA LYS B 5 -1.29 -4.34 -3.70
C LYS B 5 -0.40 -4.01 -2.52
N MET B 6 0.87 -4.38 -2.61
CA MET B 6 1.77 -4.43 -1.45
C MET B 6 3.05 -3.69 -1.76
N ALA B 7 3.34 -2.66 -0.97
CA ALA B 7 4.55 -1.87 -1.15
C ALA B 7 5.70 -2.48 -0.35
N PHE B 8 6.92 -2.13 -0.78
CA PHE B 8 8.11 -2.59 -0.07
C PHE B 8 8.19 -1.91 1.30
N PRO B 9 8.82 -2.57 2.27
CA PRO B 9 9.10 -1.89 3.55
C PRO B 9 9.96 -0.66 3.30
N SER B 10 9.57 0.45 3.92
CA SER B 10 10.12 1.76 3.61
C SER B 10 11.21 2.22 4.57
N GLY B 11 11.61 1.37 5.52
CA GLY B 11 12.52 1.81 6.56
C GLY B 11 13.85 2.33 6.00
N LYS B 12 14.41 1.63 5.03
CA LYS B 12 15.69 2.05 4.45
C LYS B 12 15.57 3.40 3.76
N VAL B 13 14.40 3.70 3.19
CA VAL B 13 14.22 4.96 2.47
C VAL B 13 13.87 6.10 3.43
N GLU B 14 13.15 5.80 4.51
CA GLU B 14 12.80 6.84 5.48
C GLU B 14 14.04 7.56 5.99
N GLY B 15 15.12 6.82 6.27
CA GLY B 15 16.34 7.40 6.79
C GLY B 15 17.11 8.26 5.81
N CYS B 16 16.63 8.39 4.57
CA CYS B 16 17.29 9.18 3.55
C CYS B 16 16.57 10.47 3.20
N MET B 17 15.37 10.68 3.75
CA MET B 17 14.55 11.82 3.38
C MET B 17 14.96 13.05 4.19
N VAL B 18 15.16 14.17 3.49
CA VAL B 18 15.48 15.44 4.11
C VAL B 18 14.57 16.52 3.52
N GLN B 19 14.65 17.71 4.12
CA GLN B 19 13.90 18.87 3.68
C GLN B 19 14.83 19.86 3.02
N VAL B 20 14.46 20.35 1.84
CA VAL B 20 15.25 21.32 1.09
C VAL B 20 14.40 22.57 0.87
N THR B 21 14.93 23.72 1.25
CA THR B 21 14.21 24.99 1.15
C THR B 21 15.04 26.00 0.38
N CYS B 22 14.39 26.69 -0.55
CA CYS B 22 15.01 27.78 -1.30
CA CYS B 22 15.01 27.77 -1.32
C CYS B 22 13.99 28.91 -1.35
N GLY B 23 14.20 29.91 -0.50
CA GLY B 23 13.23 30.99 -0.37
C GLY B 23 12.03 30.50 0.41
N THR B 24 10.84 30.58 -0.20
CA THR B 24 9.66 29.95 0.37
C THR B 24 9.44 28.54 -0.16
N THR B 25 10.04 28.21 -1.30
CA THR B 25 9.84 26.90 -1.92
C THR B 25 10.52 25.82 -1.09
N THR B 26 9.72 24.89 -0.55
CA THR B 26 10.22 23.78 0.23
C THR B 26 9.74 22.48 -0.40
N LEU B 27 10.64 21.52 -0.54
CA LEU B 27 10.26 20.18 -1.01
C LEU B 27 11.19 19.16 -0.34
N ASN B 28 11.12 17.92 -0.82
CA ASN B 28 11.85 16.82 -0.23
C ASN B 28 13.15 16.57 -0.99
N GLY B 29 14.15 16.08 -0.25
CA GLY B 29 15.42 15.69 -0.85
C GLY B 29 15.81 14.31 -0.41
N LEU B 30 16.64 13.67 -1.23
CA LEU B 30 17.14 12.32 -0.98
C LEU B 30 18.61 12.42 -0.59
N TRP B 31 18.93 12.08 0.65
CA TRP B 31 20.29 12.15 1.20
C TRP B 31 21.04 10.83 1.19
N LEU B 32 21.96 10.68 0.26
CA LEU B 32 22.74 9.50 0.17
C LEU B 32 24.22 9.90 0.14
N ASP B 33 25.01 9.27 0.98
CA ASP B 33 26.38 9.61 1.15
C ASP B 33 26.41 11.10 1.45
N ASP B 34 27.23 11.87 0.76
CA ASP B 34 27.30 13.28 1.01
C ASP B 34 26.64 14.16 -0.04
N VAL B 35 25.57 13.66 -0.64
CA VAL B 35 24.87 14.46 -1.61
C VAL B 35 23.37 14.40 -1.34
N VAL B 36 22.69 15.52 -1.59
CA VAL B 36 21.25 15.59 -1.48
C VAL B 36 20.68 15.84 -2.87
N TYR B 37 19.77 14.98 -3.30
CA TYR B 37 19.13 15.08 -4.61
C TYR B 37 17.72 15.60 -4.44
N CYS B 38 17.33 16.56 -5.27
CA CYS B 38 16.00 17.15 -5.19
C CYS B 38 15.63 17.71 -6.54
N PRO B 39 14.33 17.95 -6.80
CA PRO B 39 13.93 18.58 -8.06
C PRO B 39 14.48 19.99 -8.18
N ARG B 40 14.93 20.32 -9.38
CA ARG B 40 15.60 21.61 -9.57
C ARG B 40 14.63 22.79 -9.44
N HIS B 41 13.33 22.57 -9.54
CA HIS B 41 12.41 23.69 -9.46
C HIS B 41 12.22 24.20 -8.03
N VAL B 42 12.99 23.70 -7.08
CA VAL B 42 13.00 24.29 -5.75
C VAL B 42 13.54 25.72 -5.79
N ILE B 43 14.32 26.05 -6.82
CA ILE B 43 14.87 27.41 -6.95
C ILE B 43 13.90 28.37 -7.60
N CYS B 44 12.71 27.92 -7.97
CA CYS B 44 11.75 28.76 -8.68
C CYS B 44 10.77 29.40 -7.71
N THR B 45 10.44 30.67 -7.95
CA THR B 45 9.25 31.26 -7.36
C THR B 45 8.02 30.81 -8.14
N SER B 46 6.84 31.20 -7.64
CA SER B 46 5.61 30.83 -8.33
C SER B 46 5.58 31.41 -9.75
N GLU B 47 6.15 32.60 -9.94
CA GLU B 47 6.18 33.21 -11.27
C GLU B 47 7.22 32.55 -12.16
N ASP B 48 8.36 32.15 -11.58
CA ASP B 48 9.40 31.49 -12.36
C ASP B 48 8.90 30.23 -13.03
N MET B 49 8.01 29.49 -12.36
CA MET B 49 7.55 28.20 -12.85
C MET B 49 6.79 28.31 -14.16
N LEU B 50 6.28 29.50 -14.51
CA LEU B 50 5.52 29.66 -15.74
C LEU B 50 6.40 29.48 -16.96
N ASN B 51 7.64 29.95 -16.91
CA ASN B 51 8.58 29.84 -18.02
C ASN B 51 10.01 29.98 -17.50
N PRO B 52 10.54 28.98 -16.82
CA PRO B 52 11.83 29.15 -16.15
C PRO B 52 13.01 28.92 -17.07
N ASN B 53 14.04 29.75 -16.90
CA ASN B 53 15.37 29.49 -17.45
C ASN B 53 16.22 29.03 -16.27
N TYR B 54 16.32 27.71 -16.12
CA TYR B 54 16.93 27.15 -14.91
C TYR B 54 18.40 27.50 -14.80
N GLU B 55 19.12 27.57 -15.92
CA GLU B 55 20.53 27.94 -15.84
C GLU B 55 20.70 29.37 -15.36
N ASP B 56 19.86 30.29 -15.84
CA ASP B 56 19.93 31.67 -15.35
C ASP B 56 19.48 31.77 -13.90
N LEU B 57 18.44 31.02 -13.53
CA LEU B 57 17.92 31.09 -12.16
C LEU B 57 18.91 30.50 -11.16
N LEU B 58 19.57 29.41 -11.53
CA LEU B 58 20.51 28.76 -10.61
C LEU B 58 21.76 29.59 -10.39
N ILE B 59 22.16 30.39 -11.38
CA ILE B 59 23.37 31.19 -11.26
C ILE B 59 23.22 32.24 -10.16
N ARG B 60 21.99 32.64 -9.87
CA ARG B 60 21.73 33.63 -8.80
C ARG B 60 21.77 32.97 -7.41
N LYS B 61 21.97 31.67 -7.36
CA LYS B 61 21.97 30.93 -6.10
C LYS B 61 23.39 30.51 -5.73
N SER B 62 23.72 30.65 -4.45
CA SER B 62 24.96 30.12 -3.89
C SER B 62 24.64 29.04 -2.87
N ASN B 63 25.68 28.39 -2.37
CA ASN B 63 25.51 27.28 -1.44
C ASN B 63 24.66 27.66 -0.24
N HIS B 64 24.88 28.85 0.31
CA HIS B 64 24.15 29.25 1.52
C HIS B 64 22.68 29.58 1.25
N ASN B 65 22.25 29.61 -0.02
CA ASN B 65 20.85 29.82 -0.31
C ASN B 65 20.02 28.55 -0.22
N PHE B 66 20.66 27.39 -0.06
CA PHE B 66 19.96 26.12 0.09
C PHE B 66 19.98 25.72 1.55
N LEU B 67 18.80 25.61 2.15
CA LEU B 67 18.65 25.16 3.53
C LEU B 67 18.24 23.70 3.50
N VAL B 68 19.11 22.82 3.99
CA VAL B 68 18.86 21.39 4.04
C VAL B 68 18.74 20.98 5.50
N GLN B 69 17.63 20.35 5.86
CA GLN B 69 17.34 19.97 7.23
C GLN B 69 17.00 18.49 7.27
N ALA B 70 17.73 17.75 8.11
CA ALA B 70 17.48 16.33 8.34
C ALA B 70 16.86 16.19 9.73
N GLY B 71 15.55 16.17 9.80
CA GLY B 71 14.89 16.26 11.10
C GLY B 71 15.04 17.67 11.65
N ASN B 72 15.88 17.82 12.68
CA ASN B 72 16.13 19.11 13.28
C ASN B 72 17.53 19.65 13.05
N VAL B 73 18.44 18.85 12.50
CA VAL B 73 19.82 19.28 12.27
C VAL B 73 19.92 19.92 10.88
N GLN B 74 20.64 21.03 10.80
CA GLN B 74 20.85 21.74 9.55
C GLN B 74 22.15 21.25 8.92
N LEU B 75 22.05 20.66 7.73
CA LEU B 75 23.25 20.25 7.00
C LEU B 75 23.87 21.45 6.30
N ARG B 76 25.19 21.43 6.21
CA ARG B 76 25.94 22.52 5.61
C ARG B 76 26.21 22.21 4.14
N VAL B 77 25.72 23.08 3.25
CA VAL B 77 25.87 22.90 1.81
C VAL B 77 27.20 23.47 1.37
N ILE B 78 28.07 22.61 0.83
CA ILE B 78 29.41 23.02 0.40
C ILE B 78 29.56 22.94 -1.11
N GLY B 79 28.48 22.69 -1.84
CA GLY B 79 28.55 22.60 -3.28
C GLY B 79 27.18 22.33 -3.84
N HIS B 80 27.01 22.72 -5.11
CA HIS B 80 25.74 22.50 -5.79
C HIS B 80 25.98 22.46 -7.29
N SER B 81 25.19 21.62 -7.97
CA SER B 81 25.27 21.50 -9.41
C SER B 81 23.94 20.96 -9.92
N MET B 82 23.66 21.20 -11.17
CA MET B 82 22.45 20.76 -11.77
C MET B 82 22.72 19.65 -12.74
N GLN B 83 21.96 18.54 -12.62
CA GLN B 83 22.06 17.37 -13.54
C GLN B 83 20.67 17.17 -14.14
N ASN B 84 20.52 17.51 -15.41
CA ASN B 84 19.21 17.50 -16.05
C ASN B 84 18.24 18.25 -15.14
N CYS B 85 17.21 17.53 -14.69
CA CYS B 85 16.17 18.22 -13.90
C CYS B 85 16.33 18.04 -12.38
N VAL B 86 17.47 17.51 -11.89
CA VAL B 86 17.63 17.43 -10.45
C VAL B 86 18.80 18.30 -10.02
N LEU B 87 18.77 18.75 -8.77
CA LEU B 87 19.92 19.43 -8.23
C LEU B 87 20.59 18.46 -7.30
N LYS B 88 21.92 18.55 -7.30
CA LYS B 88 22.75 17.77 -6.40
C LYS B 88 23.47 18.75 -5.48
N LEU B 89 23.09 18.73 -4.21
CA LEU B 89 23.68 19.59 -3.18
C LEU B 89 24.70 18.76 -2.41
N LYS B 90 25.98 19.12 -2.52
CA LYS B 90 27.00 18.44 -1.74
C LYS B 90 27.00 19.00 -0.32
N VAL B 91 26.95 18.10 0.67
CA VAL B 91 26.91 18.50 2.06
C VAL B 91 28.18 17.98 2.75
N ASP B 92 28.43 18.52 3.94
CA ASP B 92 29.66 18.22 4.67
C ASP B 92 29.56 16.97 5.52
N THR B 93 28.40 16.34 5.61
CA THR B 93 28.20 15.14 6.41
C THR B 93 27.63 14.04 5.54
N ALA B 94 28.26 12.87 5.58
CA ALA B 94 27.71 11.70 4.93
C ALA B 94 26.55 11.14 5.74
N ASN B 95 25.49 10.75 5.05
CA ASN B 95 24.32 10.21 5.74
C ASN B 95 24.70 8.90 6.41
N PRO B 96 24.67 8.81 7.75
CA PRO B 96 25.04 7.54 8.40
C PRO B 96 24.06 6.42 8.13
N LYS B 97 22.85 6.74 7.68
CA LYS B 97 21.83 5.76 7.38
C LYS B 97 21.79 5.37 5.91
N THR B 98 22.80 5.76 5.13
CA THR B 98 22.82 5.43 3.71
C THR B 98 22.80 3.92 3.52
N PRO B 99 21.79 3.37 2.86
CA PRO B 99 21.78 1.94 2.58
C PRO B 99 22.56 1.64 1.30
N LYS B 100 22.76 0.34 1.07
CA LYS B 100 23.23 -0.10 -0.24
C LYS B 100 22.19 0.30 -1.28
N TYR B 101 22.62 1.04 -2.30
CA TYR B 101 21.66 1.60 -3.24
C TYR B 101 22.27 1.65 -4.63
N LYS B 102 21.38 1.80 -5.62
CA LYS B 102 21.77 2.09 -6.99
C LYS B 102 20.67 2.90 -7.63
N PHE B 103 21.03 3.61 -8.70
CA PHE B 103 20.06 4.34 -9.51
C PHE B 103 19.74 3.53 -10.75
N VAL B 104 18.46 3.31 -11.00
CA VAL B 104 18.02 2.58 -12.19
C VAL B 104 16.96 3.40 -12.89
N ARG B 105 16.92 3.28 -14.21
CA ARG B 105 15.84 3.83 -15.02
C ARG B 105 14.89 2.68 -15.32
N ILE B 106 13.69 2.75 -14.76
CA ILE B 106 12.73 1.67 -14.86
C ILE B 106 12.07 1.68 -16.23
N GLN B 107 11.64 0.52 -16.67
CA GLN B 107 10.96 0.34 -17.94
C GLN B 107 9.46 0.53 -17.78
N PRO B 108 8.75 0.93 -18.83
CA PRO B 108 7.29 1.03 -18.74
C PRO B 108 6.68 -0.33 -18.47
N GLY B 109 5.65 -0.34 -17.62
CA GLY B 109 5.01 -1.57 -17.21
C GLY B 109 5.56 -2.16 -15.93
N GLN B 110 6.71 -1.69 -15.45
CA GLN B 110 7.27 -2.16 -14.19
C GLN B 110 6.69 -1.36 -13.03
N THR B 111 6.74 -1.96 -11.85
CA THR B 111 6.17 -1.35 -10.65
C THR B 111 7.27 -0.95 -9.69
N PHE B 112 6.89 -0.09 -8.75
CA PHE B 112 7.80 0.35 -7.70
C PHE B 112 6.96 0.93 -6.55
N SER B 113 7.62 1.11 -5.41
CA SER B 113 6.98 1.66 -4.22
C SER B 113 7.32 3.14 -4.11
N VAL B 114 6.35 3.93 -3.65
CA VAL B 114 6.53 5.36 -3.46
C VAL B 114 6.41 5.68 -1.98
N LEU B 115 7.41 6.36 -1.43
CA LEU B 115 7.34 6.88 -0.07
C LEU B 115 6.96 8.36 -0.18
N ALA B 116 5.67 8.64 -0.06
CA ALA B 116 5.19 10.02 -0.11
C ALA B 116 5.65 10.77 1.13
N CYS B 117 6.26 11.94 0.92
CA CYS B 117 6.79 12.75 2.01
C CYS B 117 6.34 14.19 1.87
N TYR B 118 6.30 14.89 2.99
CA TYR B 118 6.02 16.32 3.04
C TYR B 118 6.95 16.96 4.05
N ASN B 119 7.60 18.05 3.65
CA ASN B 119 8.56 18.77 4.48
C ASN B 119 9.65 17.84 4.99
N GLY B 120 10.05 16.86 4.17
CA GLY B 120 11.07 15.91 4.56
C GLY B 120 10.63 14.81 5.50
N SER B 121 9.33 14.72 5.79
CA SER B 121 8.81 13.71 6.71
CA SER B 121 8.81 13.71 6.71
C SER B 121 7.94 12.71 5.97
N PRO B 122 8.19 11.41 6.14
CA PRO B 122 7.37 10.41 5.44
C PRO B 122 5.92 10.43 5.89
N SER B 123 5.02 10.30 4.93
CA SER B 123 3.59 10.30 5.21
CA SER B 123 3.58 10.31 5.19
C SER B 123 2.92 8.95 4.92
N GLY B 124 3.36 8.24 3.90
CA GLY B 124 2.75 6.95 3.58
C GLY B 124 3.49 6.29 2.44
N VAL B 125 3.15 5.02 2.23
CA VAL B 125 3.79 4.18 1.22
C VAL B 125 2.71 3.51 0.37
N TYR B 126 2.95 3.44 -0.94
CA TYR B 126 2.02 2.76 -1.82
C TYR B 126 2.75 2.32 -3.09
N GLN B 127 2.20 1.31 -3.75
CA GLN B 127 2.75 0.80 -4.96
C GLN B 127 2.20 1.52 -6.22
N CYS B 128 3.09 1.77 -7.19
CA CYS B 128 2.77 2.43 -8.43
C CYS B 128 3.37 1.64 -9.59
N ALA B 129 2.83 1.87 -10.78
CA ALA B 129 3.39 1.32 -12.01
C ALA B 129 3.73 2.45 -12.97
N MET B 130 4.85 2.32 -13.65
CA MET B 130 5.17 3.24 -14.73
C MET B 130 4.29 2.91 -15.93
N ARG B 131 3.30 3.77 -16.20
CA ARG B 131 2.38 3.52 -17.29
C ARG B 131 3.12 3.50 -18.61
N PRO B 132 2.55 2.83 -19.63
CA PRO B 132 3.19 2.87 -20.96
C PRO B 132 3.37 4.28 -21.51
N ASN B 133 2.53 5.23 -21.10
CA ASN B 133 2.71 6.62 -21.48
C ASN B 133 3.57 7.40 -20.48
N PHE B 134 4.30 6.68 -19.62
CA PHE B 134 5.31 7.24 -18.73
C PHE B 134 4.72 8.23 -17.71
N THR B 135 3.49 7.97 -17.28
CA THR B 135 2.92 8.64 -16.12
C THR B 135 2.71 7.62 -15.01
N ILE B 136 2.36 8.12 -13.82
CA ILE B 136 1.98 7.24 -12.71
C ILE B 136 0.70 7.80 -12.09
N LYS B 137 -0.06 6.92 -11.46
CA LYS B 137 -1.29 7.26 -10.76
C LYS B 137 -1.01 7.16 -9.27
N GLY B 138 -0.55 8.26 -8.69
CA GLY B 138 -0.20 8.25 -7.28
C GLY B 138 -1.04 9.21 -6.45
N SER B 139 -0.49 9.61 -5.30
CA SER B 139 -1.15 10.54 -4.40
C SER B 139 -0.09 11.56 -3.98
N PHE B 140 -0.11 12.74 -4.59
CA PHE B 140 0.92 13.75 -4.39
C PHE B 140 0.26 15.12 -4.23
N LEU B 141 0.29 15.66 -3.02
CA LEU B 141 -0.17 17.02 -2.78
C LEU B 141 0.97 17.99 -2.99
N ASN B 142 0.70 19.28 -2.74
CA ASN B 142 1.76 20.28 -2.82
C ASN B 142 2.80 20.03 -1.73
N GLY B 143 4.06 20.16 -2.10
CA GLY B 143 5.16 19.84 -1.21
C GLY B 143 5.60 18.39 -1.24
N SER B 144 4.93 17.56 -2.03
CA SER B 144 5.32 16.16 -2.18
C SER B 144 6.49 15.96 -3.13
N CYS B 145 6.86 16.98 -3.91
CA CYS B 145 7.95 16.83 -4.86
C CYS B 145 9.24 16.47 -4.13
N GLY B 146 10.05 15.64 -4.77
CA GLY B 146 11.21 15.06 -4.13
C GLY B 146 10.97 13.70 -3.53
N SER B 147 9.71 13.31 -3.31
CA SER B 147 9.40 11.94 -2.94
C SER B 147 9.91 10.99 -4.00
N VAL B 148 10.36 9.81 -3.59
CA VAL B 148 11.06 8.91 -4.48
C VAL B 148 10.32 7.58 -4.58
N GLY B 149 10.50 6.93 -5.72
CA GLY B 149 10.03 5.57 -5.94
C GLY B 149 11.21 4.62 -5.99
N PHE B 150 10.99 3.39 -5.54
CA PHE B 150 12.10 2.47 -5.33
C PHE B 150 11.62 1.04 -5.36
N ASN B 151 12.57 0.13 -5.60
CA ASN B 151 12.41 -1.29 -5.38
C ASN B 151 13.51 -1.78 -4.46
N ILE B 152 13.26 -2.89 -3.76
CA ILE B 152 14.23 -3.48 -2.83
C ILE B 152 14.58 -4.87 -3.33
N ASP B 153 15.88 -5.10 -3.56
CA ASP B 153 16.32 -6.47 -3.90
C ASP B 153 17.21 -6.89 -2.73
N TYR B 154 16.64 -7.66 -1.79
CA TYR B 154 17.36 -8.14 -0.66
C TYR B 154 17.70 -6.99 0.28
N ASP B 155 18.91 -6.48 0.12
CA ASP B 155 19.36 -5.37 0.92
C ASP B 155 19.61 -4.08 0.15
N CYS B 156 19.32 -4.05 -1.11
CA CYS B 156 19.74 -2.96 -1.98
C CYS B 156 18.53 -2.20 -2.47
N VAL B 157 18.57 -0.88 -2.30
CA VAL B 157 17.49 0.00 -2.73
C VAL B 157 17.80 0.49 -4.14
N SER B 158 16.98 0.12 -5.10
CA SER B 158 17.07 0.68 -6.45
C SER B 158 16.11 1.85 -6.57
N PHE B 159 16.65 3.07 -6.41
CA PHE B 159 15.86 4.27 -6.66
C PHE B 159 15.66 4.45 -8.16
N CYS B 160 14.40 4.67 -8.56
CA CYS B 160 14.04 4.78 -9.96
C CYS B 160 13.15 5.96 -10.30
N TYR B 161 12.61 6.66 -9.31
CA TYR B 161 11.66 7.73 -9.58
C TYR B 161 11.83 8.84 -8.54
N MET B 162 11.69 10.08 -9.01
CA MET B 162 11.57 11.24 -8.14
C MET B 162 10.42 12.10 -8.67
N HIS B 163 9.52 12.51 -7.78
CA HIS B 163 8.30 13.18 -8.21
C HIS B 163 8.54 14.64 -8.50
N HIS B 164 8.00 15.13 -9.62
CA HIS B 164 8.15 16.52 -10.05
C HIS B 164 6.84 17.25 -10.30
N MET B 165 5.84 16.61 -10.90
CA MET B 165 4.71 17.41 -11.37
C MET B 165 3.44 16.59 -11.52
N GLU B 166 2.33 17.30 -11.59
CA GLU B 166 1.00 16.72 -11.76
C GLU B 166 0.43 17.16 -13.12
N LEU B 167 -0.16 16.21 -13.83
CA LEU B 167 -0.66 16.52 -15.17
C LEU B 167 -2.15 16.83 -15.13
N PRO B 168 -2.66 17.55 -16.13
CA PRO B 168 -4.07 18.00 -16.07
C PRO B 168 -5.07 16.85 -15.99
N THR B 169 -4.67 15.63 -16.34
CA THR B 169 -5.55 14.47 -16.23
C THR B 169 -5.60 13.89 -14.82
N GLY B 170 -4.87 14.48 -13.87
CA GLY B 170 -4.79 13.94 -12.53
C GLY B 170 -3.70 12.91 -12.33
N VAL B 171 -2.82 12.72 -13.32
CA VAL B 171 -1.74 11.77 -13.20
C VAL B 171 -0.44 12.54 -12.97
N HIS B 172 0.63 11.81 -12.67
CA HIS B 172 1.85 12.42 -12.18
C HIS B 172 3.04 12.05 -13.07
N ALA B 173 4.05 12.92 -13.06
CA ALA B 173 5.24 12.75 -13.86
C ALA B 173 6.47 13.10 -13.05
N GLY B 174 7.58 12.45 -13.37
CA GLY B 174 8.81 12.69 -12.65
C GLY B 174 10.00 12.20 -13.46
N THR B 175 11.14 12.13 -12.77
CA THR B 175 12.42 11.79 -13.38
C THR B 175 13.00 10.55 -12.73
N ASP B 176 14.05 10.01 -13.35
CA ASP B 176 14.92 9.09 -12.65
C ASP B 176 15.87 9.89 -11.77
N LEU B 177 16.76 9.20 -11.07
CA LEU B 177 17.62 9.91 -10.12
C LEU B 177 18.79 10.61 -10.81
N GLU B 178 18.89 10.52 -12.14
CA GLU B 178 19.80 11.36 -12.91
C GLU B 178 19.10 12.61 -13.45
N GLY B 179 17.82 12.79 -13.15
CA GLY B 179 17.12 14.00 -13.54
C GLY B 179 16.46 13.94 -14.91
N ASN B 180 16.46 12.79 -15.57
CA ASN B 180 15.84 12.67 -16.87
C ASN B 180 14.38 12.27 -16.70
N PHE B 181 13.48 13.10 -17.22
CA PHE B 181 12.05 12.80 -17.11
C PHE B 181 11.73 11.48 -17.79
N TYR B 182 10.81 10.74 -17.19
CA TYR B 182 10.12 9.68 -17.92
C TYR B 182 9.08 10.33 -18.81
N GLY B 183 9.11 10.01 -20.10
CA GLY B 183 8.17 10.57 -21.04
C GLY B 183 8.59 11.92 -21.57
N PRO B 184 7.66 12.59 -22.26
CA PRO B 184 8.03 13.80 -23.00
C PRO B 184 7.90 15.09 -22.20
N PHE B 185 7.79 14.98 -20.88
CA PHE B 185 7.41 16.13 -20.06
C PHE B 185 8.61 17.01 -19.72
N VAL B 186 8.31 18.26 -19.39
CA VAL B 186 9.31 19.25 -18.98
C VAL B 186 8.81 19.91 -17.70
N ASP B 187 9.76 20.37 -16.87
CA ASP B 187 9.39 20.98 -15.59
C ASP B 187 9.11 22.47 -15.79
N ARG B 188 7.92 22.73 -16.35
CA ARG B 188 7.43 24.09 -16.56
C ARG B 188 5.92 24.07 -16.38
N GLN B 189 5.38 25.12 -15.76
CA GLN B 189 3.93 25.23 -15.56
C GLN B 189 3.29 25.63 -16.88
N THR B 190 3.02 24.62 -17.70
CA THR B 190 2.31 24.81 -18.95
C THR B 190 1.56 23.53 -19.28
N ALA B 191 0.46 23.67 -20.02
CA ALA B 191 -0.36 22.52 -20.35
C ALA B 191 0.43 21.50 -21.16
N GLN B 192 0.46 20.26 -20.67
CA GLN B 192 1.19 19.19 -21.31
C GLN B 192 0.32 17.94 -21.38
N ALA B 193 0.40 17.24 -22.51
CA ALA B 193 -0.40 16.05 -22.74
C ALA B 193 0.47 14.80 -22.59
N ALA B 194 -0.11 13.75 -22.02
CA ALA B 194 0.60 12.51 -21.82
C ALA B 194 0.44 11.53 -22.97
N GLY B 195 -0.56 11.72 -23.83
CA GLY B 195 -0.82 10.79 -24.90
C GLY B 195 -1.65 9.60 -24.45
N THR B 196 -2.13 8.85 -25.44
CA THR B 196 -2.97 7.70 -25.16
C THR B 196 -2.26 6.72 -24.23
N ASP B 197 -2.94 6.33 -23.17
CA ASP B 197 -2.38 5.30 -22.30
C ASP B 197 -2.77 3.93 -22.79
N THR B 198 -1.84 3.00 -22.69
CA THR B 198 -2.04 1.61 -23.07
C THR B 198 -2.23 0.79 -21.81
N THR B 199 -2.93 -0.33 -21.94
CA THR B 199 -3.04 -1.29 -20.86
C THR B 199 -1.88 -2.27 -20.95
N ILE B 200 -1.23 -2.53 -19.82
CA ILE B 200 -0.09 -3.43 -19.77
C ILE B 200 -0.63 -4.85 -19.81
N THR B 201 -0.63 -5.45 -21.01
CA THR B 201 -1.33 -6.72 -21.23
C THR B 201 -0.75 -7.83 -20.37
N VAL B 202 0.59 -7.94 -20.32
CA VAL B 202 1.21 -9.02 -19.57
C VAL B 202 0.88 -8.90 -18.09
N ASN B 203 0.64 -7.68 -17.61
CA ASN B 203 0.27 -7.47 -16.21
C ASN B 203 -1.15 -7.94 -15.94
N VAL B 204 -2.06 -7.69 -16.89
CA VAL B 204 -3.43 -8.18 -16.74
C VAL B 204 -3.45 -9.71 -16.67
N LEU B 205 -2.69 -10.36 -17.56
CA LEU B 205 -2.63 -11.82 -17.55
C LEU B 205 -2.05 -12.34 -16.23
N ALA B 206 -0.99 -11.69 -15.74
CA ALA B 206 -0.41 -12.10 -14.46
C ALA B 206 -1.43 -11.99 -13.34
N TRP B 207 -2.24 -10.93 -13.37
CA TRP B 207 -3.26 -10.73 -12.34
C TRP B 207 -4.39 -11.74 -12.48
N LEU B 208 -4.74 -12.10 -13.71
CA LEU B 208 -5.72 -13.16 -13.93
C LEU B 208 -5.20 -14.50 -13.40
N TYR B 209 -3.90 -14.76 -13.55
CA TYR B 209 -3.31 -15.96 -12.97
C TYR B 209 -3.37 -15.91 -11.44
N ALA B 210 -3.11 -14.73 -10.86
CA ALA B 210 -3.23 -14.59 -9.42
C ALA B 210 -4.64 -14.92 -8.94
N ALA B 211 -5.65 -14.52 -9.71
CA ALA B 211 -7.03 -14.83 -9.35
C ALA B 211 -7.29 -16.33 -9.35
N VAL B 212 -6.78 -17.03 -10.36
CA VAL B 212 -6.96 -18.47 -10.43
C VAL B 212 -6.28 -19.16 -9.25
N ILE B 213 -5.09 -18.67 -8.88
CA ILE B 213 -4.37 -19.23 -7.74
C ILE B 213 -5.19 -19.06 -6.46
N ASN B 214 -5.96 -17.99 -6.36
CA ASN B 214 -6.78 -17.72 -5.19
C ASN B 214 -8.18 -18.31 -5.29
N GLY B 215 -8.48 -19.08 -6.35
CA GLY B 215 -9.74 -19.77 -6.47
C GLY B 215 -10.79 -19.08 -7.30
N ASP B 216 -10.47 -17.94 -7.92
CA ASP B 216 -11.41 -17.24 -8.80
C ASP B 216 -11.22 -17.77 -10.22
N ARG B 217 -12.25 -18.45 -10.74
CA ARG B 217 -12.13 -19.14 -12.02
C ARG B 217 -13.31 -18.93 -12.96
N TRP B 218 -14.27 -18.07 -12.61
CA TRP B 218 -15.48 -17.97 -13.42
C TRP B 218 -15.18 -17.48 -14.84
N PHE B 219 -14.14 -16.66 -15.00
CA PHE B 219 -13.82 -16.09 -16.30
C PHE B 219 -13.14 -17.07 -17.25
N LEU B 220 -12.80 -18.26 -16.79
CA LEU B 220 -12.14 -19.24 -17.65
C LEU B 220 -13.16 -19.92 -18.55
N ASN B 221 -12.86 -19.93 -19.85
CA ASN B 221 -13.73 -20.56 -20.85
C ASN B 221 -13.02 -21.76 -21.48
N ARG B 222 -13.66 -22.35 -22.48
CA ARG B 222 -13.13 -23.52 -23.18
C ARG B 222 -12.51 -23.17 -24.52
N PHE B 223 -12.17 -21.90 -24.73
CA PHE B 223 -11.54 -21.46 -25.96
C PHE B 223 -10.03 -21.36 -25.80
N THR B 224 -9.36 -21.25 -26.94
CA THR B 224 -7.97 -20.81 -27.00
C THR B 224 -7.85 -19.83 -28.15
N THR B 225 -6.66 -19.28 -28.34
CA THR B 225 -6.42 -18.34 -29.41
C THR B 225 -4.95 -18.42 -29.82
N THR B 226 -4.56 -17.55 -30.75
CA THR B 226 -3.19 -17.43 -31.18
C THR B 226 -2.65 -16.05 -30.80
N LEU B 227 -1.33 -15.93 -30.82
CA LEU B 227 -0.69 -14.65 -30.46
C LEU B 227 -1.16 -13.54 -31.39
N ASN B 228 -1.23 -13.81 -32.69
CA ASN B 228 -1.65 -12.78 -33.64
C ASN B 228 -3.15 -12.52 -33.55
N ASP B 229 -3.95 -13.54 -33.26
CA ASP B 229 -5.39 -13.33 -33.15
C ASP B 229 -5.74 -12.52 -31.91
N PHE B 230 -5.05 -12.79 -30.80
CA PHE B 230 -5.29 -12.00 -29.58
C PHE B 230 -4.82 -10.57 -29.77
N ASN B 231 -3.67 -10.38 -30.43
CA ASN B 231 -3.13 -9.03 -30.63
C ASN B 231 -4.04 -8.21 -31.53
N LEU B 232 -4.72 -8.85 -32.48
CA LEU B 232 -5.72 -8.15 -33.26
C LEU B 232 -6.85 -7.64 -32.37
N VAL B 233 -7.10 -8.33 -31.26
CA VAL B 233 -8.09 -7.88 -30.28
C VAL B 233 -7.46 -6.95 -29.24
N ALA B 234 -6.17 -7.14 -28.93
CA ALA B 234 -5.49 -6.25 -28.00
C ALA B 234 -5.45 -4.82 -28.52
N MET B 235 -5.04 -4.65 -29.79
CA MET B 235 -4.92 -3.31 -30.36
C MET B 235 -6.25 -2.57 -30.36
N LYS B 236 -7.36 -3.29 -30.55
CA LYS B 236 -8.67 -2.65 -30.57
C LYS B 236 -8.98 -1.99 -29.23
N TYR B 237 -8.56 -2.62 -28.12
CA TYR B 237 -8.86 -2.13 -26.78
C TYR B 237 -7.70 -1.37 -26.17
N ASN B 238 -6.74 -0.91 -26.99
CA ASN B 238 -5.57 -0.18 -26.52
C ASN B 238 -4.80 -0.97 -25.46
N TYR B 239 -4.66 -2.26 -25.70
CA TYR B 239 -3.79 -3.14 -24.93
C TYR B 239 -2.44 -3.24 -25.64
N GLU B 240 -1.40 -3.53 -24.87
CA GLU B 240 -0.09 -3.73 -25.49
C GLU B 240 -0.08 -5.08 -26.22
N PRO B 241 0.62 -5.18 -27.35
CA PRO B 241 0.70 -6.47 -28.04
C PRO B 241 1.49 -7.47 -27.20
N LEU B 242 1.05 -8.72 -27.21
CA LEU B 242 1.74 -9.78 -26.48
C LEU B 242 2.81 -10.40 -27.36
N THR B 243 3.97 -10.63 -26.75
CA THR B 243 5.13 -11.22 -27.41
C THR B 243 5.49 -12.53 -26.75
N GLN B 244 6.39 -13.27 -27.41
CA GLN B 244 6.86 -14.54 -26.84
C GLN B 244 7.65 -14.31 -25.56
N ASP B 245 8.33 -13.16 -25.44
CA ASP B 245 8.96 -12.80 -24.18
C ASP B 245 7.94 -12.72 -23.05
N HIS B 246 6.79 -12.08 -23.32
CA HIS B 246 5.72 -12.04 -22.33
C HIS B 246 5.23 -13.43 -21.96
N VAL B 247 5.06 -14.29 -22.96
CA VAL B 247 4.64 -15.68 -22.69
C VAL B 247 5.66 -16.38 -21.80
N ASP B 248 6.95 -16.14 -22.04
CA ASP B 248 7.99 -16.78 -21.24
C ASP B 248 7.97 -16.27 -19.80
N ILE B 249 7.77 -14.96 -19.61
CA ILE B 249 7.74 -14.37 -18.28
C ILE B 249 6.57 -14.92 -17.48
N LEU B 250 5.46 -15.23 -18.14
CA LEU B 250 4.30 -15.81 -17.49
C LEU B 250 4.46 -17.31 -17.23
N GLY B 251 5.60 -17.90 -17.60
CA GLY B 251 5.86 -19.31 -17.44
C GLY B 251 5.60 -19.87 -16.05
N PRO B 252 6.18 -19.27 -15.02
CA PRO B 252 5.93 -19.75 -13.66
C PRO B 252 4.46 -19.76 -13.27
N LEU B 253 3.70 -18.76 -13.71
CA LEU B 253 2.27 -18.71 -13.38
C LEU B 253 1.47 -19.71 -14.20
N SER B 254 1.80 -19.85 -15.49
CA SER B 254 1.14 -20.86 -16.31
C SER B 254 1.43 -22.27 -15.80
N ALA B 255 2.62 -22.50 -15.27
CA ALA B 255 2.96 -23.81 -14.73
C ALA B 255 2.20 -24.09 -13.44
N GLN B 256 2.11 -23.10 -12.55
CA GLN B 256 1.46 -23.33 -11.26
C GLN B 256 -0.03 -23.58 -11.42
N THR B 257 -0.67 -22.94 -12.41
CA THR B 257 -2.11 -23.08 -12.62
C THR B 257 -2.46 -24.15 -13.63
N GLY B 258 -1.51 -24.62 -14.43
CA GLY B 258 -1.83 -25.54 -15.50
C GLY B 258 -2.63 -24.94 -16.64
N ILE B 259 -2.71 -23.62 -16.72
CA ILE B 259 -3.43 -22.92 -17.77
C ILE B 259 -2.42 -22.34 -18.74
N ALA B 260 -2.47 -22.78 -20.00
CA ALA B 260 -1.59 -22.25 -21.02
C ALA B 260 -1.84 -20.76 -21.22
N VAL B 261 -0.77 -20.05 -21.58
CA VAL B 261 -0.86 -18.59 -21.71
C VAL B 261 -1.88 -18.21 -22.78
N LEU B 262 -1.86 -18.92 -23.92
CA LEU B 262 -2.83 -18.64 -24.97
C LEU B 262 -4.24 -19.01 -24.54
N ASP B 263 -4.38 -20.01 -23.67
CA ASP B 263 -5.69 -20.29 -23.08
C ASP B 263 -6.16 -19.13 -22.20
N MET B 264 -5.24 -18.53 -21.44
CA MET B 264 -5.62 -17.37 -20.63
C MET B 264 -5.89 -16.15 -21.51
N CYS B 265 -5.23 -16.07 -22.67
CA CYS B 265 -5.48 -14.96 -23.57
C CYS B 265 -6.91 -15.00 -24.11
N ALA B 266 -7.46 -16.21 -24.28
CA ALA B 266 -8.83 -16.34 -24.79
C ALA B 266 -9.85 -15.88 -23.74
N SER B 267 -9.60 -16.17 -22.46
CA SER B 267 -10.50 -15.69 -21.41
C SER B 267 -10.45 -14.16 -21.33
N LEU B 268 -9.26 -13.58 -21.45
CA LEU B 268 -9.13 -12.13 -21.45
C LEU B 268 -9.85 -11.50 -22.64
N LYS B 269 -9.69 -12.11 -23.83
CA LYS B 269 -10.39 -11.61 -25.01
C LYS B 269 -11.89 -11.61 -24.79
N GLU B 270 -12.43 -12.67 -24.19
CA GLU B 270 -13.86 -12.71 -23.91
C GLU B 270 -14.24 -11.71 -22.83
N LEU B 271 -13.35 -11.47 -21.85
CA LEU B 271 -13.62 -10.43 -20.87
C LEU B 271 -13.62 -9.05 -21.53
N LEU B 272 -12.74 -8.84 -22.51
CA LEU B 272 -12.71 -7.56 -23.21
C LEU B 272 -13.94 -7.38 -24.09
N GLN B 273 -14.33 -8.44 -24.81
CA GLN B 273 -15.45 -8.34 -25.74
C GLN B 273 -16.80 -8.38 -25.05
N ASN B 274 -16.92 -9.11 -23.93
CA ASN B 274 -18.20 -9.34 -23.28
C ASN B 274 -18.37 -8.59 -21.97
N GLY B 275 -17.31 -8.00 -21.43
CA GLY B 275 -17.40 -7.41 -20.10
C GLY B 275 -17.38 -8.46 -19.01
N MET B 276 -17.57 -8.00 -17.78
CA MET B 276 -17.52 -8.87 -16.62
C MET B 276 -18.90 -9.19 -16.04
N ASN B 277 -19.97 -8.67 -16.64
CA ASN B 277 -21.34 -9.06 -16.31
C ASN B 277 -21.63 -8.86 -14.82
N GLY B 278 -21.20 -7.73 -14.27
CA GLY B 278 -21.44 -7.42 -12.88
C GLY B 278 -20.67 -8.24 -11.88
N ARG B 279 -19.84 -9.18 -12.32
CA ARG B 279 -19.04 -9.98 -11.42
C ARG B 279 -17.72 -9.27 -11.09
N THR B 280 -16.98 -9.85 -10.16
CA THR B 280 -15.71 -9.29 -9.72
C THR B 280 -14.61 -10.34 -9.83
N ILE B 281 -13.37 -9.85 -9.87
CA ILE B 281 -12.18 -10.70 -9.91
C ILE B 281 -11.20 -10.17 -8.88
N LEU B 282 -10.88 -10.98 -7.87
CA LEU B 282 -10.00 -10.57 -6.78
C LEU B 282 -10.49 -9.27 -6.14
N GLY B 283 -11.80 -9.16 -5.97
CA GLY B 283 -12.38 -7.98 -5.37
C GLY B 283 -12.40 -6.76 -6.23
N SER B 284 -12.20 -6.90 -7.54
CA SER B 284 -12.21 -5.79 -8.47
C SER B 284 -13.18 -6.06 -9.60
N ALA B 285 -13.91 -5.02 -10.01
CA ALA B 285 -14.79 -5.09 -11.16
C ALA B 285 -14.13 -4.54 -12.43
N LEU B 286 -12.83 -4.25 -12.37
CA LEU B 286 -12.04 -3.83 -13.51
C LEU B 286 -10.85 -4.76 -13.68
N LEU B 287 -10.29 -4.77 -14.88
CA LEU B 287 -9.10 -5.56 -15.16
C LEU B 287 -7.86 -4.78 -14.70
N GLU B 288 -7.16 -5.34 -13.72
CA GLU B 288 -6.02 -4.66 -13.10
C GLU B 288 -4.74 -4.96 -13.87
N ASP B 289 -3.98 -3.90 -14.18
CA ASP B 289 -2.75 -4.04 -14.97
C ASP B 289 -1.53 -3.46 -14.25
N GLU B 290 -1.59 -3.29 -12.93
CA GLU B 290 -0.46 -2.73 -12.19
C GLU B 290 0.19 -3.76 -11.28
N PHE B 291 0.03 -5.05 -11.58
CA PHE B 291 0.80 -6.13 -10.98
C PHE B 291 1.66 -6.76 -12.07
N THR B 292 2.97 -6.71 -11.90
CA THR B 292 3.85 -7.41 -12.82
C THR B 292 3.79 -8.91 -12.55
N PRO B 293 4.24 -9.75 -13.50
CA PRO B 293 4.38 -11.18 -13.19
C PRO B 293 5.26 -11.44 -11.97
N PHE B 294 6.32 -10.66 -11.81
CA PHE B 294 7.17 -10.82 -10.63
C PHE B 294 6.41 -10.48 -9.35
N ASP B 295 5.57 -9.45 -9.38
CA ASP B 295 4.76 -9.11 -8.21
C ASP B 295 3.84 -10.26 -7.83
N VAL B 296 3.25 -10.94 -8.83
CA VAL B 296 2.33 -12.03 -8.55
C VAL B 296 3.07 -13.23 -7.98
N VAL B 297 4.23 -13.56 -8.55
CA VAL B 297 5.03 -14.68 -8.07
C VAL B 297 5.43 -14.47 -6.60
N ARG B 298 5.70 -13.22 -6.23
CA ARG B 298 6.11 -12.90 -4.87
C ARG B 298 5.04 -13.17 -3.81
N GLN B 299 3.79 -12.82 -4.12
CA GLN B 299 2.69 -13.01 -3.18
C GLN B 299 2.07 -14.39 -3.27
N CYS B 300 2.29 -15.11 -4.36
CA CYS B 300 1.71 -16.44 -4.54
C CYS B 300 2.70 -17.55 -4.24
C ACY C 1 -8.53 -23.00 9.78
O ACY C 1 -8.39 -24.22 9.96
CH3 ACY C 1 -9.81 -22.32 10.10
N LEU C 2 -7.56 -22.25 9.26
CA LEU C 2 -6.20 -22.73 9.06
C LEU C 2 -5.24 -21.86 9.87
N LEU C 3 -4.51 -22.44 10.83
CA LEU C 3 -3.49 -21.68 11.54
C LEU C 3 -2.31 -21.40 10.65
O OAR C 4 1.53 -18.75 10.06
N OAR C 4 -1.87 -20.14 10.56
NE OAR C 4 -2.65 -20.76 5.97
NH1 OAR C 4 -0.87 -21.20 4.59
NH2 OAR C 4 -2.99 -21.55 3.84
CA OAR C 4 -0.68 -19.87 9.71
CB OAR C 4 -1.05 -18.68 8.75
CG OAR C 4 -2.07 -19.10 7.69
CD OAR C 4 -1.82 -20.48 7.13
CZ OAR C 4 -2.18 -21.18 4.80
C OAR C 4 0.37 -19.19 10.75
C ACY D 1 1.65 21.59 -14.69
O ACY D 1 1.73 22.82 -14.79
CH3 ACY D 1 1.55 20.73 -15.91
N LEU D 2 1.64 20.98 -13.50
CA LEU D 2 1.75 21.75 -12.28
C LEU D 2 2.98 21.29 -11.51
N LEU D 3 3.96 22.15 -11.23
CA LEU D 3 5.13 21.75 -10.47
C LEU D 3 4.73 21.57 -9.01
O OAR D 4 5.95 19.72 -4.87
N OAR D 4 5.09 20.45 -8.39
NE OAR D 4 0.33 19.84 -7.41
NH1 OAR D 4 -0.33 21.90 -6.71
NH2 OAR D 4 -1.89 20.27 -7.08
CA OAR D 4 4.83 20.16 -6.98
CB OAR D 4 3.94 18.93 -6.83
CG OAR D 4 2.63 18.98 -7.61
CD OAR D 4 1.74 20.11 -7.16
CZ OAR D 4 -0.64 20.67 -7.07
C OAR D 4 6.16 19.98 -6.25
#